data_4NLX
#
_entry.id   4NLX
#
_cell.length_a   129.177
_cell.length_b   129.177
_cell.length_c   111.613
_cell.angle_alpha   90.000
_cell.angle_beta   90.000
_cell.angle_gamma   120.000
#
_symmetry.space_group_name_H-M   'P 65'
#
loop_
_entity.id
_entity.type
_entity.pdbx_description
1 polymer 'RNA-directed RNA polymerase 3D-POL'
2 non-polymer 'ACETIC ACID'
3 non-polymer 'PENTAETHYLENE GLYCOL'
4 non-polymer 'SODIUM ION'
5 water water
#
_entity_poly.entity_id   1
_entity_poly.type   'polypeptide(L)'
_entity_poly.pdbx_seq_one_letter_code
;GEIQWMRPSKEVGYPIINAPSKTKLEPSAFHYVFEGVKEPAVLTKNDPRLKTDFEEAIFSKYVGNKITEVDEYMKEAVDH
YAGQLMSLDINTEQM(CAS)LEDAMYGTDGLEALDLSTSAGYPYVAMGKKKRDILNKQTRDTKEMQKLLDTYGINLPLVT
YVKDELRSKTKVEQGKSRLIEASSLNDSVAMRMAFGNLYAAFHKNPGVITGSAVG(CAS)DPDLFWSKIPVLMEEKLFAF
DYTGYDASLSPAWFEALKMVLEKIGFGDRVDYIDYLNHSHHLYKNKTY(CAS)VKGGMPSAVSGTSIFNSMINNLIIRTL
LLKTYKGIDLDHLKMIAYGDDVIASYPHEVDASLLAQSGKDYGLTMTPADKSATFETVTWENVTFLKRFFRADEKYPFLI
HPVMPMKEIHESIRWTKDPRNTQDHVRSLCLLAWHNGEEEYNKFLAKIRSVPIGRALDLPEYSTLYDRWLDSF
;
_entity_poly.pdbx_strand_id   A
#
loop_
_chem_comp.id
_chem_comp.type
_chem_comp.name
_chem_comp.formula
1PE non-polymer 'PENTAETHYLENE GLYCOL' 'C10 H22 O6'
ACY non-polymer 'ACETIC ACID' 'C2 H4 O2'
NA non-polymer 'SODIUM ION' 'Na 1'
#
# COMPACT_ATOMS: atom_id res chain seq x y z
N GLY A 1 8.86 -6.95 12.90
CA GLY A 1 9.85 -5.84 12.88
C GLY A 1 10.23 -5.38 14.28
N GLU A 2 11.48 -4.97 14.43
CA GLU A 2 11.98 -4.53 15.73
C GLU A 2 13.16 -3.58 15.55
N ILE A 3 13.14 -2.46 16.25
CA ILE A 3 14.23 -1.50 16.19
C ILE A 3 15.38 -2.04 17.03
N GLN A 4 16.54 -2.27 16.41
CA GLN A 4 17.70 -2.78 17.13
C GLN A 4 18.31 -1.71 18.03
N TRP A 5 18.45 -0.50 17.49
CA TRP A 5 19.01 0.61 18.25
C TRP A 5 18.63 1.93 17.63
N MET A 6 18.70 2.98 18.44
CA MET A 6 18.40 4.34 17.98
C MET A 6 19.35 5.30 18.69
N ARG A 7 19.89 6.25 17.94
CA ARG A 7 20.82 7.21 18.51
C ARG A 7 20.97 8.48 17.67
N PRO A 8 21.65 9.49 18.21
CA PRO A 8 21.86 10.74 17.49
C PRO A 8 22.59 10.50 16.18
N SER A 9 21.99 10.94 15.08
CA SER A 9 22.59 10.76 13.76
C SER A 9 24.05 11.21 13.66
N LYS A 10 24.43 12.23 14.43
CA LYS A 10 25.80 12.73 14.39
C LYS A 10 26.76 11.64 14.85
N GLU A 11 26.34 10.87 15.84
CA GLU A 11 27.15 9.80 16.39
C GLU A 11 27.53 8.71 15.38
N VAL A 12 26.78 8.61 14.28
CA VAL A 12 27.07 7.61 13.26
C VAL A 12 27.37 8.21 11.90
N GLY A 13 27.76 9.48 11.88
CA GLY A 13 28.12 10.12 10.62
C GLY A 13 27.02 10.73 9.75
N TYR A 14 25.84 10.98 10.31
CA TYR A 14 24.76 11.56 9.51
C TYR A 14 24.30 12.92 10.00
N PRO A 15 23.74 13.72 9.08
CA PRO A 15 23.22 15.07 9.34
C PRO A 15 21.79 15.05 9.84
N ILE A 16 21.37 16.14 10.47
CA ILE A 16 20.01 16.26 10.98
C ILE A 16 19.07 16.47 9.78
N ILE A 17 17.91 15.81 9.80
CA ILE A 17 16.96 15.94 8.71
C ILE A 17 15.76 16.77 9.14
N ASN A 18 15.28 17.60 8.23
CA ASN A 18 14.13 18.45 8.53
C ASN A 18 12.86 17.79 8.06
N ALA A 19 11.93 17.58 8.98
CA ALA A 19 10.65 16.98 8.66
C ALA A 19 9.58 18.00 9.03
N PRO A 20 8.78 18.45 8.04
CA PRO A 20 7.71 19.43 8.26
C PRO A 20 6.99 19.21 9.58
N SER A 21 6.64 20.29 10.27
CA SER A 21 5.98 20.18 11.56
C SER A 21 4.57 20.75 11.55
N LYS A 22 4.18 21.34 10.42
CA LYS A 22 2.86 21.94 10.30
C LYS A 22 2.07 21.27 9.17
N THR A 23 0.86 20.83 9.48
CA THR A 23 0.03 20.17 8.49
C THR A 23 -0.38 21.14 7.39
N LYS A 24 -0.57 20.61 6.19
CA LYS A 24 -1.01 21.43 5.07
C LYS A 24 -2.49 21.20 4.84
N LEU A 25 -3.11 20.47 5.76
CA LEU A 25 -4.53 20.17 5.70
C LEU A 25 -5.30 21.20 6.51
N GLU A 26 -6.45 21.62 6.00
CA GLU A 26 -7.28 22.58 6.70
C GLU A 26 -8.69 22.55 6.15
N PRO A 27 -9.67 23.02 6.93
CA PRO A 27 -11.07 23.04 6.52
C PRO A 27 -11.28 23.53 5.10
N SER A 28 -12.05 22.77 4.32
CA SER A 28 -12.35 23.14 2.95
C SER A 28 -13.69 23.83 2.90
N ALA A 29 -14.10 24.25 1.70
CA ALA A 29 -15.35 24.95 1.51
C ALA A 29 -16.55 24.10 1.91
N PHE A 30 -16.33 22.80 2.09
CA PHE A 30 -17.44 21.93 2.44
C PHE A 30 -17.32 21.38 3.85
N HIS A 31 -16.41 21.95 4.64
CA HIS A 31 -16.21 21.48 6.01
C HIS A 31 -17.50 21.36 6.82
N TYR A 32 -18.45 22.26 6.61
CA TYR A 32 -19.70 22.23 7.37
C TYR A 32 -20.90 21.76 6.56
N VAL A 33 -20.67 21.40 5.30
CA VAL A 33 -21.75 20.93 4.45
C VAL A 33 -21.85 19.40 4.61
N PHE A 34 -20.78 18.79 5.06
CA PHE A 34 -20.76 17.35 5.23
C PHE A 34 -20.29 16.99 6.63
N GLU A 35 -20.73 15.83 7.09
CA GLU A 35 -20.37 15.32 8.41
C GLU A 35 -18.97 14.71 8.39
N GLY A 36 -18.28 14.79 9.51
CA GLY A 36 -16.94 14.24 9.60
C GLY A 36 -16.34 14.41 10.98
N VAL A 37 -15.56 13.43 11.42
CA VAL A 37 -14.94 13.48 12.73
C VAL A 37 -13.43 13.30 12.69
N LYS A 38 -12.85 13.33 11.48
CA LYS A 38 -11.42 13.15 11.34
C LYS A 38 -10.65 14.47 11.24
N GLU A 39 -9.42 14.48 11.77
CA GLU A 39 -8.57 15.67 11.75
C GLU A 39 -7.17 15.30 11.29
N PRO A 40 -6.31 16.31 11.07
CA PRO A 40 -4.94 16.04 10.62
C PRO A 40 -4.15 15.33 11.70
N ALA A 41 -3.45 14.26 11.32
CA ALA A 41 -2.64 13.47 12.25
C ALA A 41 -1.57 14.31 12.94
N VAL A 42 -1.19 13.88 14.14
CA VAL A 42 -0.16 14.59 14.90
C VAL A 42 1.16 14.52 14.13
N LEU A 43 1.84 15.65 14.01
CA LEU A 43 3.09 15.69 13.26
C LEU A 43 4.31 16.06 14.11
N THR A 44 4.08 16.42 15.39
CA THR A 44 5.18 16.78 16.30
C THR A 44 4.83 16.44 17.75
N LYS A 45 5.86 16.17 18.54
CA LYS A 45 5.71 15.80 19.95
C LYS A 45 4.96 16.86 20.76
N ASN A 46 4.90 18.08 20.24
CA ASN A 46 4.25 19.19 20.95
C ASN A 46 2.76 19.39 20.68
N ASP A 47 2.21 18.67 19.71
CA ASP A 47 0.79 18.84 19.41
C ASP A 47 -0.06 18.74 20.69
N PRO A 48 -0.83 19.79 20.98
CA PRO A 48 -1.71 19.93 22.15
C PRO A 48 -2.70 18.79 22.31
N ARG A 49 -3.09 18.19 21.20
CA ARG A 49 -4.07 17.10 21.24
C ARG A 49 -3.54 15.79 21.80
N LEU A 50 -2.22 15.60 21.77
CA LEU A 50 -1.59 14.38 22.26
C LEU A 50 -1.95 14.02 23.71
N LYS A 51 -2.11 12.73 23.96
CA LYS A 51 -2.44 12.26 25.31
C LYS A 51 -1.45 11.15 25.72
N THR A 52 -0.34 11.07 25.01
CA THR A 52 0.69 10.08 25.30
C THR A 52 1.97 10.46 24.53
N ASP A 53 3.10 9.88 24.95
CA ASP A 53 4.37 10.20 24.30
C ASP A 53 4.25 9.93 22.81
N PHE A 54 4.59 10.95 22.00
CA PHE A 54 4.50 10.83 20.56
C PHE A 54 5.49 9.82 20.00
N GLU A 55 6.77 10.05 20.23
CA GLU A 55 7.82 9.16 19.73
C GLU A 55 7.45 7.70 20.00
N GLU A 56 7.16 7.40 21.26
CA GLU A 56 6.80 6.05 21.65
C GLU A 56 5.65 5.52 20.79
N ALA A 57 4.64 6.36 20.58
CA ALA A 57 3.48 5.96 19.80
C ALA A 57 3.77 5.61 18.34
N ILE A 58 4.49 6.47 17.62
CA ILE A 58 4.79 6.22 16.22
C ILE A 58 5.71 5.03 15.95
N PHE A 59 6.49 4.64 16.95
CA PHE A 59 7.41 3.53 16.76
C PHE A 59 6.88 2.21 17.33
N SER A 60 5.80 2.28 18.11
CA SER A 60 5.24 1.08 18.70
C SER A 60 4.75 0.03 17.70
N LYS A 61 4.64 0.39 16.43
CA LYS A 61 4.18 -0.56 15.42
C LYS A 61 5.14 -1.75 15.35
N TYR A 62 6.39 -1.52 15.72
CA TYR A 62 7.37 -2.58 15.70
C TYR A 62 7.12 -3.47 16.92
N VAL A 63 6.19 -4.41 16.77
CA VAL A 63 5.82 -5.32 17.85
C VAL A 63 6.85 -6.41 18.11
N GLY A 64 7.93 -6.41 17.35
CA GLY A 64 8.96 -7.42 17.55
C GLY A 64 8.96 -8.47 16.46
N ASN A 65 9.82 -9.47 16.61
CA ASN A 65 9.93 -10.55 15.64
C ASN A 65 9.62 -11.86 16.33
N LYS A 66 8.57 -12.53 15.86
CA LYS A 66 8.14 -13.79 16.43
C LYS A 66 8.98 -14.97 15.95
N ILE A 67 8.89 -15.31 14.67
CA ILE A 67 9.64 -16.44 14.14
C ILE A 67 11.06 -16.04 13.75
N THR A 68 11.96 -17.03 13.72
CA THR A 68 13.36 -16.79 13.39
C THR A 68 13.76 -17.34 12.03
N GLU A 69 13.26 -18.53 11.72
CA GLU A 69 13.59 -19.18 10.46
C GLU A 69 12.38 -19.61 9.65
N VAL A 70 12.63 -20.06 8.43
CA VAL A 70 11.57 -20.50 7.54
C VAL A 70 11.27 -21.96 7.84
N ASP A 71 10.06 -22.27 8.31
CA ASP A 71 9.73 -23.67 8.63
C ASP A 71 9.24 -24.48 7.43
N GLU A 72 8.80 -25.71 7.69
CA GLU A 72 8.34 -26.60 6.63
C GLU A 72 7.13 -26.10 5.87
N TYR A 73 6.19 -25.49 6.56
CA TYR A 73 4.98 -24.97 5.94
C TYR A 73 5.28 -23.78 5.03
N MET A 74 6.19 -22.93 5.49
CA MET A 74 6.58 -21.77 4.72
C MET A 74 7.26 -22.20 3.43
N LYS A 75 8.13 -23.21 3.51
CA LYS A 75 8.83 -23.70 2.33
C LYS A 75 7.82 -24.22 1.32
N GLU A 76 6.78 -24.90 1.81
CA GLU A 76 5.75 -25.42 0.93
C GLU A 76 5.00 -24.26 0.27
N ALA A 77 4.70 -23.23 1.06
CA ALA A 77 4.03 -22.05 0.53
C ALA A 77 4.87 -21.46 -0.61
N VAL A 78 6.17 -21.29 -0.35
CA VAL A 78 7.07 -20.76 -1.36
C VAL A 78 7.00 -21.54 -2.66
N ASP A 79 7.16 -22.86 -2.59
CA ASP A 79 7.10 -23.69 -3.79
C ASP A 79 5.80 -23.52 -4.56
N HIS A 80 4.68 -23.52 -3.86
CA HIS A 80 3.40 -23.38 -4.54
C HIS A 80 3.23 -22.03 -5.19
N TYR A 81 3.57 -20.96 -4.47
CA TYR A 81 3.43 -19.62 -5.02
C TYR A 81 4.40 -19.43 -6.18
N ALA A 82 5.66 -19.79 -5.95
CA ALA A 82 6.66 -19.67 -7.00
C ALA A 82 6.16 -20.42 -8.23
N GLY A 83 5.56 -21.59 -8.02
CA GLY A 83 5.05 -22.38 -9.12
C GLY A 83 4.01 -21.62 -9.93
N GLN A 84 3.06 -20.97 -9.27
CA GLN A 84 2.04 -20.21 -9.99
C GLN A 84 2.69 -19.10 -10.79
N LEU A 85 3.51 -18.31 -10.12
CA LEU A 85 4.19 -17.19 -10.77
C LEU A 85 4.97 -17.63 -11.99
N MET A 86 5.56 -18.82 -11.90
CA MET A 86 6.36 -19.35 -12.98
C MET A 86 5.54 -19.44 -14.27
N SER A 87 4.22 -19.58 -14.15
CA SER A 87 3.38 -19.68 -15.34
C SER A 87 3.18 -18.35 -16.07
N LEU A 88 3.49 -17.24 -15.41
CA LEU A 88 3.33 -15.93 -16.05
C LEU A 88 4.46 -15.68 -17.02
N ASP A 89 5.46 -16.54 -16.99
CA ASP A 89 6.59 -16.42 -17.90
C ASP A 89 7.18 -15.00 -17.81
N ILE A 90 7.45 -14.55 -16.58
CA ILE A 90 8.00 -13.23 -16.33
C ILE A 90 9.43 -13.08 -16.85
N ASN A 91 9.67 -11.92 -17.48
CA ASN A 91 10.97 -11.57 -18.05
C ASN A 91 11.93 -11.35 -16.88
N THR A 92 13.01 -12.12 -16.80
CA THR A 92 13.93 -11.97 -15.68
C THR A 92 15.11 -11.03 -15.94
N GLU A 93 15.13 -10.39 -17.10
CA GLU A 93 16.22 -9.47 -17.39
C GLU A 93 16.09 -8.22 -16.56
N GLN A 94 17.24 -7.62 -16.30
CA GLN A 94 17.34 -6.39 -15.56
C GLN A 94 16.70 -5.34 -16.47
N MET A 95 16.24 -4.23 -15.91
CA MET A 95 15.62 -3.20 -16.73
C MET A 95 16.63 -2.07 -16.92
N CAS A 96 16.70 -1.53 -18.14
CA CAS A 96 17.65 -0.46 -18.42
CB CAS A 96 17.62 -0.12 -19.90
C CAS A 96 17.33 0.76 -17.58
O CAS A 96 16.16 1.01 -17.24
SG CAS A 96 16.15 0.73 -20.45
AS CAS A 96 16.51 0.75 -22.69
CE1 CAS A 96 17.18 -1.39 -22.90
CE2 CAS A 96 14.49 1.07 -23.54
N LEU A 97 18.36 1.53 -17.27
CA LEU A 97 18.22 2.73 -16.45
C LEU A 97 17.12 3.68 -16.91
N GLU A 98 17.02 3.88 -18.22
CA GLU A 98 16.01 4.81 -18.76
C GLU A 98 14.59 4.44 -18.38
N ASP A 99 14.23 3.18 -18.57
CA ASP A 99 12.88 2.74 -18.23
C ASP A 99 12.66 2.75 -16.73
N ALA A 100 13.66 2.34 -15.97
CA ALA A 100 13.54 2.34 -14.51
C ALA A 100 13.27 3.77 -14.05
N MET A 101 13.75 4.74 -14.83
CA MET A 101 13.56 6.15 -14.50
C MET A 101 12.31 6.80 -15.07
N TYR A 102 12.11 6.65 -16.38
CA TYR A 102 10.97 7.29 -17.03
C TYR A 102 9.78 6.41 -17.41
N GLY A 103 9.88 5.12 -17.12
CA GLY A 103 8.77 4.23 -17.39
C GLY A 103 8.75 3.53 -18.73
N THR A 104 7.88 2.52 -18.80
CA THR A 104 7.67 1.70 -19.98
C THR A 104 6.36 0.95 -19.78
N ASP A 105 5.97 0.14 -20.75
CA ASP A 105 4.72 -0.60 -20.63
C ASP A 105 4.66 -1.37 -19.31
N GLY A 106 3.67 -1.03 -18.48
CA GLY A 106 3.51 -1.71 -17.21
C GLY A 106 4.20 -1.11 -16.00
N LEU A 107 4.96 -0.06 -16.20
CA LEU A 107 5.67 0.58 -15.10
C LEU A 107 5.68 2.08 -15.30
N GLU A 108 5.02 2.81 -14.40
CA GLU A 108 4.96 4.25 -14.52
C GLU A 108 6.30 4.88 -14.19
N ALA A 109 6.53 6.07 -14.73
CA ALA A 109 7.78 6.79 -14.49
C ALA A 109 7.92 7.12 -13.02
N LEU A 110 9.13 7.44 -12.57
CA LEU A 110 9.32 7.79 -11.17
C LEU A 110 8.52 9.04 -10.86
N ASP A 111 7.96 9.08 -9.66
CA ASP A 111 7.15 10.21 -9.23
C ASP A 111 8.08 11.41 -8.94
N LEU A 112 7.90 12.50 -9.68
CA LEU A 112 8.73 13.68 -9.50
C LEU A 112 8.40 14.47 -8.24
N SER A 113 7.18 14.35 -7.77
CA SER A 113 6.78 15.09 -6.58
C SER A 113 7.37 14.51 -5.29
N THR A 114 7.36 13.18 -5.15
CA THR A 114 7.87 12.56 -3.93
C THR A 114 9.34 12.84 -3.62
N SER A 115 9.72 12.62 -2.37
CA SER A 115 11.08 12.87 -1.89
C SER A 115 12.19 12.21 -2.71
N ALA A 116 13.38 12.80 -2.68
CA ALA A 116 14.53 12.26 -3.38
C ALA A 116 15.35 11.46 -2.37
N GLY A 117 14.91 11.52 -1.11
CA GLY A 117 15.58 10.79 -0.06
C GLY A 117 16.99 11.28 0.23
N TYR A 118 17.75 10.45 0.94
CA TYR A 118 19.11 10.75 1.31
C TYR A 118 20.08 10.41 0.18
N PRO A 119 21.13 11.23 -0.03
CA PRO A 119 21.51 12.47 0.68
C PRO A 119 20.95 13.73 0.06
N TYR A 120 20.31 13.58 -1.09
CA TYR A 120 19.73 14.71 -1.82
C TYR A 120 18.88 15.64 -0.98
N VAL A 121 18.14 15.10 -0.02
CA VAL A 121 17.30 15.93 0.83
C VAL A 121 18.15 16.83 1.74
N ALA A 122 19.35 16.38 2.09
CA ALA A 122 20.22 17.16 2.95
C ALA A 122 21.19 18.06 2.16
N MET A 123 21.21 17.91 0.84
CA MET A 123 22.06 18.72 -0.03
C MET A 123 21.18 19.74 -0.73
N GLY A 124 19.86 19.62 -0.51
CA GLY A 124 18.92 20.52 -1.13
C GLY A 124 18.64 20.23 -2.60
N LYS A 125 19.21 19.16 -3.13
CA LYS A 125 19.01 18.80 -4.52
C LYS A 125 17.70 18.02 -4.67
N LYS A 126 16.81 18.52 -5.53
CA LYS A 126 15.52 17.89 -5.77
C LYS A 126 15.52 16.99 -7.01
N LYS A 127 14.48 16.16 -7.13
CA LYS A 127 14.36 15.24 -8.25
C LYS A 127 14.20 15.91 -9.59
N ARG A 128 13.67 17.12 -9.60
CA ARG A 128 13.46 17.85 -10.85
C ARG A 128 14.79 18.34 -11.41
N ASP A 129 15.83 18.27 -10.59
CA ASP A 129 17.16 18.70 -11.01
C ASP A 129 17.99 17.51 -11.50
N ILE A 130 17.38 16.33 -11.48
CA ILE A 130 18.08 15.12 -11.91
C ILE A 130 17.49 14.45 -13.13
N LEU A 131 16.18 14.57 -13.33
CA LEU A 131 15.56 13.93 -14.50
C LEU A 131 14.67 14.82 -15.35
N ASN A 132 14.68 14.57 -16.66
CA ASN A 132 13.91 15.30 -17.65
C ASN A 132 12.90 14.36 -18.30
N LYS A 133 11.62 14.55 -18.01
CA LYS A 133 10.59 13.70 -18.56
C LYS A 133 10.63 13.63 -20.09
N GLN A 134 11.15 14.68 -20.73
CA GLN A 134 11.22 14.71 -22.18
C GLN A 134 12.61 14.43 -22.76
N THR A 135 13.64 14.60 -21.93
CA THR A 135 15.00 14.32 -22.37
C THR A 135 15.28 12.86 -22.12
N ARG A 136 14.67 12.32 -21.06
CA ARG A 136 14.88 10.94 -20.66
C ARG A 136 16.37 10.77 -20.43
N ASP A 137 16.97 11.80 -19.85
CA ASP A 137 18.39 11.80 -19.57
C ASP A 137 18.71 10.86 -18.41
N THR A 138 19.81 10.13 -18.56
CA THR A 138 20.25 9.20 -17.54
C THR A 138 21.70 9.46 -17.18
N LYS A 139 22.26 10.54 -17.72
CA LYS A 139 23.65 10.90 -17.48
C LYS A 139 23.83 11.45 -16.07
N GLU A 140 22.97 12.39 -15.68
CA GLU A 140 23.04 12.98 -14.35
C GLU A 140 22.82 11.89 -13.30
N MET A 141 21.81 11.05 -13.50
CA MET A 141 21.48 9.96 -12.58
C MET A 141 22.65 9.00 -12.43
N GLN A 142 23.25 8.62 -13.55
CA GLN A 142 24.36 7.68 -13.55
C GLN A 142 25.53 8.17 -12.70
N LYS A 143 25.83 9.47 -12.77
CA LYS A 143 26.93 10.02 -11.98
C LYS A 143 26.56 9.88 -10.51
N LEU A 144 25.33 10.24 -10.17
CA LEU A 144 24.86 10.16 -8.80
C LEU A 144 24.98 8.74 -8.25
N LEU A 145 24.61 7.76 -9.07
CA LEU A 145 24.70 6.37 -8.64
C LEU A 145 26.17 6.00 -8.41
N ASP A 146 27.03 6.40 -9.34
CA ASP A 146 28.44 6.10 -9.21
C ASP A 146 29.05 6.82 -8.02
N THR A 147 28.52 8.00 -7.70
CA THR A 147 29.02 8.79 -6.59
C THR A 147 28.57 8.32 -5.20
N TYR A 148 27.26 8.27 -4.97
CA TYR A 148 26.76 7.86 -3.66
C TYR A 148 26.35 6.40 -3.50
N GLY A 149 26.40 5.64 -4.58
CA GLY A 149 26.04 4.23 -4.50
C GLY A 149 24.63 3.88 -4.07
N ILE A 150 24.48 2.69 -3.50
CA ILE A 150 23.18 2.22 -3.05
C ILE A 150 23.18 1.87 -1.58
N ASN A 151 22.06 1.32 -1.12
CA ASN A 151 21.90 0.91 0.28
C ASN A 151 22.00 2.11 1.21
N LEU A 152 21.44 3.22 0.79
CA LEU A 152 21.45 4.45 1.58
C LEU A 152 20.35 4.41 2.65
N PRO A 153 20.51 5.19 3.72
CA PRO A 153 19.51 5.23 4.79
C PRO A 153 18.16 5.68 4.24
N LEU A 154 17.09 5.32 4.93
CA LEU A 154 15.75 5.72 4.52
C LEU A 154 15.33 6.93 5.34
N VAL A 155 14.88 7.99 4.67
CA VAL A 155 14.44 9.21 5.35
C VAL A 155 13.02 9.03 5.85
N THR A 156 12.81 9.25 7.14
CA THR A 156 11.49 9.08 7.74
C THR A 156 10.74 10.39 8.06
N TYR A 157 9.54 10.51 7.50
CA TYR A 157 8.66 11.66 7.70
C TYR A 157 7.36 11.14 8.29
N VAL A 158 6.64 11.99 9.01
CA VAL A 158 5.36 11.60 9.56
C VAL A 158 4.40 11.90 8.41
N LYS A 159 3.44 11.03 8.17
CA LYS A 159 2.52 11.25 7.06
C LYS A 159 1.44 12.29 7.39
N ASP A 160 1.25 13.25 6.50
CA ASP A 160 0.27 14.33 6.66
C ASP A 160 -1.06 13.86 6.10
N GLU A 161 -1.91 13.33 6.96
CA GLU A 161 -3.21 12.81 6.54
C GLU A 161 -4.24 12.88 7.67
N LEU A 162 -5.50 12.56 7.34
CA LEU A 162 -6.57 12.56 8.32
C LEU A 162 -6.58 11.26 9.14
N ARG A 163 -6.91 11.38 10.43
CA ARG A 163 -6.96 10.23 11.33
C ARG A 163 -8.10 10.43 12.31
N SER A 164 -8.55 9.34 12.92
CA SER A 164 -9.64 9.41 13.90
C SER A 164 -9.18 10.18 15.14
N LYS A 165 -10.14 10.64 15.93
CA LYS A 165 -9.84 11.40 17.15
C LYS A 165 -8.98 10.51 18.04
N THR A 166 -9.31 9.22 18.08
CA THR A 166 -8.57 8.26 18.88
C THR A 166 -7.10 8.20 18.45
N LYS A 167 -6.87 7.94 17.17
CA LYS A 167 -5.52 7.85 16.68
C LYS A 167 -4.74 9.15 16.83
N VAL A 168 -5.45 10.28 16.81
CA VAL A 168 -4.81 11.58 16.99
C VAL A 168 -4.33 11.69 18.42
N GLU A 169 -5.22 11.37 19.35
CA GLU A 169 -4.93 11.43 20.77
C GLU A 169 -3.84 10.46 21.24
N GLN A 170 -3.69 9.34 20.54
CA GLN A 170 -2.70 8.34 20.92
C GLN A 170 -1.44 8.42 20.07
N GLY A 171 -1.27 9.54 19.37
CA GLY A 171 -0.10 9.73 18.54
C GLY A 171 0.11 8.67 17.47
N LYS A 172 -0.93 7.92 17.16
CA LYS A 172 -0.85 6.87 16.14
C LYS A 172 -0.77 7.40 14.71
N SER A 173 0.29 8.14 14.41
CA SER A 173 0.47 8.68 13.07
C SER A 173 1.26 7.66 12.25
N ARG A 174 0.98 7.58 10.96
CA ARG A 174 1.70 6.64 10.11
C ARG A 174 2.96 7.32 9.57
N LEU A 175 3.98 6.51 9.29
CA LEU A 175 5.27 7.03 8.81
C LEU A 175 5.61 6.74 7.36
N ILE A 176 6.28 7.70 6.73
CA ILE A 176 6.73 7.57 5.35
C ILE A 176 8.22 7.24 5.44
N GLU A 177 8.58 6.03 5.03
CA GLU A 177 9.97 5.59 5.09
C GLU A 177 10.50 5.56 3.66
N ALA A 178 10.89 6.74 3.18
CA ALA A 178 11.38 6.94 1.82
C ALA A 178 12.79 6.45 1.50
N SER A 179 12.91 5.63 0.46
CA SER A 179 14.21 5.15 0.07
C SER A 179 14.88 6.25 -0.75
N SER A 180 16.21 6.21 -0.80
CA SER A 180 16.95 7.19 -1.58
C SER A 180 16.65 6.99 -3.05
N LEU A 181 16.73 8.07 -3.82
CA LEU A 181 16.47 7.98 -5.26
C LEU A 181 17.35 6.89 -5.86
N ASN A 182 18.54 6.73 -5.30
CA ASN A 182 19.51 5.73 -5.77
C ASN A 182 19.01 4.29 -5.60
N ASP A 183 18.40 4.00 -4.47
CA ASP A 183 17.89 2.64 -4.25
C ASP A 183 16.65 2.38 -5.11
N SER A 184 15.76 3.38 -5.22
CA SER A 184 14.57 3.21 -6.05
C SER A 184 15.01 2.85 -7.45
N VAL A 185 15.90 3.66 -8.00
CA VAL A 185 16.40 3.42 -9.35
C VAL A 185 17.06 2.06 -9.45
N ALA A 186 17.93 1.73 -8.50
CA ALA A 186 18.62 0.44 -8.51
C ALA A 186 17.61 -0.71 -8.43
N MET A 187 16.68 -0.63 -7.48
CA MET A 187 15.68 -1.66 -7.32
C MET A 187 14.71 -1.80 -8.49
N ARG A 188 14.35 -0.68 -9.12
CA ARG A 188 13.46 -0.73 -10.27
C ARG A 188 14.22 -1.34 -11.45
N MET A 189 15.54 -1.18 -11.46
CA MET A 189 16.32 -1.77 -12.54
C MET A 189 16.41 -3.28 -12.31
N ALA A 190 16.51 -3.68 -11.05
CA ALA A 190 16.60 -5.09 -10.69
C ALA A 190 15.28 -5.83 -10.83
N PHE A 191 14.18 -5.19 -10.40
CA PHE A 191 12.86 -5.81 -10.45
C PHE A 191 11.84 -5.15 -11.36
N GLY A 192 12.28 -4.22 -12.19
CA GLY A 192 11.37 -3.54 -13.08
C GLY A 192 10.42 -4.43 -13.86
N ASN A 193 10.93 -5.54 -14.40
CA ASN A 193 10.06 -6.42 -15.18
C ASN A 193 9.08 -7.19 -14.32
N LEU A 194 9.49 -7.48 -13.09
CA LEU A 194 8.61 -8.19 -12.15
C LEU A 194 7.41 -7.27 -11.86
N TYR A 195 7.70 -6.00 -11.59
CA TYR A 195 6.68 -5.01 -11.30
C TYR A 195 5.72 -4.88 -12.48
N ALA A 196 6.27 -4.76 -13.68
CA ALA A 196 5.45 -4.64 -14.87
C ALA A 196 4.53 -5.84 -15.00
N ALA A 197 5.11 -7.03 -14.86
CA ALA A 197 4.33 -8.26 -14.98
C ALA A 197 3.17 -8.28 -13.99
N PHE A 198 3.40 -7.78 -12.79
CA PHE A 198 2.33 -7.75 -11.79
C PHE A 198 1.27 -6.72 -12.17
N HIS A 199 1.71 -5.51 -12.49
CA HIS A 199 0.81 -4.42 -12.87
C HIS A 199 -0.09 -4.82 -14.03
N LYS A 200 0.41 -5.65 -14.93
CA LYS A 200 -0.34 -6.10 -16.10
C LYS A 200 -1.15 -7.38 -15.84
N ASN A 201 -0.89 -8.04 -14.71
CA ASN A 201 -1.61 -9.26 -14.42
C ASN A 201 -2.27 -9.32 -13.06
N PRO A 202 -3.10 -8.31 -12.75
CA PRO A 202 -3.79 -8.31 -11.46
C PRO A 202 -4.75 -9.48 -11.53
N GLY A 203 -4.77 -10.31 -10.48
CA GLY A 203 -5.65 -11.47 -10.49
C GLY A 203 -5.19 -12.52 -9.51
N VAL A 204 -5.68 -13.75 -9.68
CA VAL A 204 -5.33 -14.84 -8.77
C VAL A 204 -4.06 -15.61 -9.13
N ILE A 205 -3.41 -15.25 -10.23
CA ILE A 205 -2.18 -15.93 -10.60
C ILE A 205 -1.05 -15.23 -9.85
N THR A 206 -0.94 -13.92 -10.01
CA THR A 206 0.07 -13.18 -9.26
C THR A 206 -0.44 -13.08 -7.81
N GLY A 207 -1.75 -13.26 -7.63
CA GLY A 207 -2.34 -13.15 -6.32
C GLY A 207 -2.19 -11.71 -5.85
N SER A 208 -2.02 -10.82 -6.82
CA SER A 208 -1.84 -9.40 -6.55
C SER A 208 -2.88 -8.56 -7.27
N ALA A 209 -3.08 -7.34 -6.78
CA ALA A 209 -4.05 -6.46 -7.40
C ALA A 209 -3.45 -5.07 -7.58
N VAL A 210 -2.19 -4.93 -7.22
CA VAL A 210 -1.48 -3.67 -7.36
C VAL A 210 -1.53 -3.25 -8.82
N GLY A 211 -1.86 -1.98 -9.08
CA GLY A 211 -1.89 -1.48 -10.45
C GLY A 211 -3.21 -1.65 -11.18
N CAS A 212 -4.18 -2.18 -10.46
CA CAS A 212 -5.50 -2.47 -10.98
CB CAS A 212 -6.13 -3.51 -10.07
C CAS A 212 -6.40 -1.24 -11.10
O CAS A 212 -6.09 -0.18 -10.55
SG CAS A 212 -7.58 -2.99 -9.17
AS CAS A 212 -6.75 -1.91 -7.36
CE1 CAS A 212 -6.45 -3.73 -6.10
CE2 CAS A 212 -4.84 -0.97 -7.96
N ASP A 213 -7.50 -1.37 -11.82
CA ASP A 213 -8.46 -0.28 -11.98
C ASP A 213 -9.82 -0.78 -11.50
N PRO A 214 -10.14 -0.54 -10.23
CA PRO A 214 -11.41 -0.96 -9.62
C PRO A 214 -12.65 -0.92 -10.51
N ASP A 215 -12.78 0.11 -11.33
CA ASP A 215 -13.94 0.24 -12.18
C ASP A 215 -14.13 -0.92 -13.16
N LEU A 216 -13.03 -1.50 -13.63
CA LEU A 216 -13.07 -2.60 -14.58
C LEU A 216 -12.75 -3.94 -13.89
N PHE A 217 -11.79 -3.91 -12.99
CA PHE A 217 -11.35 -5.11 -12.29
C PHE A 217 -12.40 -5.77 -11.42
N TRP A 218 -13.31 -4.99 -10.87
CA TRP A 218 -14.36 -5.54 -10.00
C TRP A 218 -15.27 -6.53 -10.72
N SER A 219 -15.31 -6.47 -12.04
CA SER A 219 -16.16 -7.40 -12.77
C SER A 219 -15.46 -8.71 -13.05
N LYS A 220 -14.13 -8.70 -12.94
CA LYS A 220 -13.34 -9.91 -13.17
C LYS A 220 -13.12 -10.69 -11.89
N ILE A 221 -13.13 -10.00 -10.76
CA ILE A 221 -12.87 -10.66 -9.49
C ILE A 221 -13.77 -11.83 -9.12
N PRO A 222 -15.11 -11.65 -9.16
CA PRO A 222 -16.00 -12.76 -8.81
C PRO A 222 -15.72 -14.05 -9.59
N VAL A 223 -15.54 -13.90 -10.89
CA VAL A 223 -15.26 -15.02 -11.77
C VAL A 223 -14.02 -15.82 -11.33
N LEU A 224 -13.07 -15.13 -10.69
CA LEU A 224 -11.82 -15.77 -10.25
C LEU A 224 -11.89 -16.45 -8.88
N MET A 225 -12.91 -16.12 -8.08
CA MET A 225 -13.04 -16.69 -6.73
C MET A 225 -13.70 -18.06 -6.66
N GLU A 226 -13.29 -18.85 -5.66
CA GLU A 226 -13.86 -20.17 -5.44
C GLU A 226 -15.19 -19.91 -4.71
N GLU A 227 -15.92 -20.98 -4.43
CA GLU A 227 -17.22 -20.91 -3.77
C GLU A 227 -17.29 -20.16 -2.43
N LYS A 228 -16.42 -20.54 -1.48
CA LYS A 228 -16.44 -19.93 -0.16
C LYS A 228 -15.36 -18.87 0.07
N LEU A 229 -15.79 -17.64 0.32
CA LEU A 229 -14.85 -16.54 0.56
C LEU A 229 -14.44 -16.53 2.02
N PHE A 230 -13.24 -16.05 2.30
CA PHE A 230 -12.77 -15.88 3.66
C PHE A 230 -11.86 -14.66 3.67
N ALA A 231 -11.81 -13.97 4.80
CA ALA A 231 -10.98 -12.78 4.91
C ALA A 231 -10.76 -12.35 6.34
N PHE A 232 -9.82 -11.43 6.54
CA PHE A 232 -9.51 -10.93 7.87
C PHE A 232 -8.61 -9.72 7.77
N ASP A 233 -8.57 -8.92 8.84
CA ASP A 233 -7.74 -7.73 8.88
C ASP A 233 -6.44 -7.98 9.65
N TYR A 234 -5.40 -7.25 9.28
CA TYR A 234 -4.12 -7.35 9.98
C TYR A 234 -3.95 -6.08 10.80
N THR A 235 -3.25 -6.21 11.91
CA THR A 235 -2.96 -5.08 12.77
C THR A 235 -1.47 -4.85 12.57
N GLY A 236 -1.09 -3.71 11.99
CA GLY A 236 0.31 -3.40 11.77
C GLY A 236 1.05 -4.41 10.93
N TYR A 237 0.44 -4.84 9.85
CA TYR A 237 1.04 -5.83 8.95
C TYR A 237 2.54 -5.59 8.65
N ASP A 238 2.82 -4.56 7.86
CA ASP A 238 4.19 -4.23 7.47
C ASP A 238 5.18 -4.34 8.63
N ALA A 239 4.90 -3.62 9.69
CA ALA A 239 5.77 -3.59 10.86
C ALA A 239 5.90 -4.92 11.59
N SER A 240 4.87 -5.75 11.52
CA SER A 240 4.90 -7.03 12.21
C SER A 240 5.69 -8.11 11.50
N LEU A 241 6.06 -7.87 10.25
CA LEU A 241 6.79 -8.87 9.50
C LEU A 241 8.15 -9.21 10.10
N SER A 242 8.35 -10.50 10.35
CA SER A 242 9.60 -11.00 10.91
C SER A 242 10.55 -11.28 9.75
N PRO A 243 11.86 -11.31 10.03
CA PRO A 243 12.90 -11.54 9.02
C PRO A 243 12.67 -12.79 8.18
N ALA A 244 12.15 -13.84 8.80
CA ALA A 244 11.89 -15.08 8.08
C ALA A 244 10.99 -14.84 6.87
N TRP A 245 10.01 -13.97 7.03
CA TRP A 245 9.10 -13.70 5.92
C TRP A 245 9.86 -13.08 4.74
N PHE A 246 10.92 -12.33 5.04
CA PHE A 246 11.70 -11.71 3.98
C PHE A 246 12.52 -12.81 3.29
N GLU A 247 13.02 -13.74 4.10
CA GLU A 247 13.80 -14.84 3.55
C GLU A 247 12.90 -15.66 2.64
N ALA A 248 11.68 -15.93 3.08
CA ALA A 248 10.74 -16.69 2.27
C ALA A 248 10.61 -16.01 0.91
N LEU A 249 10.47 -14.69 0.92
CA LEU A 249 10.33 -13.91 -0.31
C LEU A 249 11.50 -14.14 -1.28
N LYS A 250 12.71 -14.12 -0.74
CA LYS A 250 13.91 -14.32 -1.53
C LYS A 250 13.89 -15.68 -2.22
N MET A 251 13.37 -16.70 -1.53
CA MET A 251 13.28 -18.02 -2.12
C MET A 251 12.39 -17.99 -3.35
N VAL A 252 11.27 -17.29 -3.25
CA VAL A 252 10.36 -17.19 -4.39
C VAL A 252 11.12 -16.52 -5.53
N LEU A 253 11.72 -15.36 -5.24
CA LEU A 253 12.48 -14.63 -6.23
C LEU A 253 13.57 -15.49 -6.86
N GLU A 254 14.24 -16.28 -6.02
CA GLU A 254 15.30 -17.18 -6.47
C GLU A 254 14.71 -18.19 -7.45
N LYS A 255 13.60 -18.82 -7.07
CA LYS A 255 12.98 -19.84 -7.92
C LYS A 255 12.41 -19.31 -9.22
N ILE A 256 12.05 -18.03 -9.29
CA ILE A 256 11.48 -17.50 -10.53
C ILE A 256 12.47 -16.77 -11.41
N GLY A 257 13.76 -16.91 -11.10
CA GLY A 257 14.79 -16.28 -11.92
C GLY A 257 15.43 -14.98 -11.46
N PHE A 258 15.20 -14.59 -10.21
CA PHE A 258 15.78 -13.35 -9.71
C PHE A 258 16.74 -13.59 -8.56
N GLY A 259 17.16 -14.84 -8.37
CA GLY A 259 18.10 -15.17 -7.31
C GLY A 259 19.31 -14.27 -7.44
N ASP A 260 19.49 -13.84 -8.67
CA ASP A 260 20.54 -12.94 -9.07
C ASP A 260 20.56 -11.68 -8.19
N ARG A 261 19.38 -11.19 -7.81
CA ARG A 261 19.30 -9.97 -7.00
C ARG A 261 18.49 -10.00 -5.71
N VAL A 262 18.58 -11.08 -4.97
CA VAL A 262 17.86 -11.19 -3.70
C VAL A 262 18.44 -10.31 -2.59
N ASP A 263 19.61 -9.73 -2.83
CA ASP A 263 20.27 -8.88 -1.84
C ASP A 263 19.48 -7.60 -1.58
N TYR A 264 18.72 -7.16 -2.58
CA TYR A 264 17.92 -5.96 -2.43
C TYR A 264 16.83 -6.19 -1.39
N ILE A 265 16.42 -7.45 -1.22
CA ILE A 265 15.40 -7.76 -0.24
C ILE A 265 16.02 -7.65 1.16
N ASP A 266 17.31 -7.93 1.26
CA ASP A 266 18.01 -7.83 2.54
C ASP A 266 17.95 -6.36 3.00
N TYR A 267 18.09 -5.46 2.03
CA TYR A 267 18.03 -4.03 2.27
C TYR A 267 16.68 -3.62 2.87
N LEU A 268 15.61 -4.33 2.50
CA LEU A 268 14.28 -4.04 3.04
C LEU A 268 14.15 -4.60 4.47
N ASN A 269 14.63 -5.82 4.63
CA ASN A 269 14.61 -6.55 5.89
C ASN A 269 15.43 -5.87 6.98
N HIS A 270 16.73 -5.76 6.76
CA HIS A 270 17.61 -5.10 7.71
C HIS A 270 17.78 -3.68 7.17
N SER A 271 16.94 -2.77 7.64
CA SER A 271 16.98 -1.40 7.16
C SER A 271 17.55 -0.35 8.12
N HIS A 272 18.05 0.69 7.48
CA HIS A 272 18.74 1.85 8.05
C HIS A 272 17.82 3.09 7.95
N HIS A 273 17.53 3.74 9.09
CA HIS A 273 16.62 4.90 9.10
C HIS A 273 17.09 6.23 9.70
N LEU A 274 16.63 7.33 9.11
CA LEU A 274 16.93 8.69 9.60
C LEU A 274 15.61 9.41 9.93
N TYR A 275 15.52 9.95 11.15
CA TYR A 275 14.33 10.68 11.59
C TYR A 275 14.74 11.86 12.45
N LYS A 276 14.51 13.07 11.93
CA LYS A 276 14.87 14.28 12.66
C LYS A 276 16.38 14.26 12.83
N ASN A 277 16.82 14.21 14.09
CA ASN A 277 18.24 14.19 14.44
C ASN A 277 18.66 12.81 14.96
N LYS A 278 17.79 11.83 14.78
CA LYS A 278 18.08 10.47 15.22
C LYS A 278 18.21 9.53 14.03
N THR A 279 18.89 8.41 14.26
CA THR A 279 19.07 7.38 13.24
C THR A 279 18.83 6.06 13.97
N TYR A 280 18.11 5.14 13.34
CA TYR A 280 17.85 3.85 13.97
C TYR A 280 17.92 2.72 12.98
N CAS A 281 18.13 1.53 13.52
CA CAS A 281 18.27 0.33 12.73
CB CAS A 281 19.62 -0.30 13.10
C CAS A 281 17.11 -0.63 13.03
O CAS A 281 16.73 -0.83 14.19
SG CAS A 281 20.02 -1.86 12.36
AS CAS A 281 21.03 -1.13 10.46
CE1 CAS A 281 23.15 -1.48 11.08
CE2 CAS A 281 20.40 -2.63 8.96
N VAL A 282 16.50 -1.19 11.99
CA VAL A 282 15.38 -2.10 12.16
C VAL A 282 15.66 -3.49 11.58
N LYS A 283 15.23 -4.52 12.32
CA LYS A 283 15.39 -5.90 11.87
C LYS A 283 13.97 -6.39 11.59
N GLY A 284 13.65 -6.53 10.31
CA GLY A 284 12.31 -6.95 9.93
C GLY A 284 11.47 -5.71 9.68
N GLY A 285 10.23 -5.90 9.21
CA GLY A 285 9.38 -4.77 8.92
C GLY A 285 9.62 -4.24 7.51
N MET A 286 8.56 -4.08 6.74
CA MET A 286 8.68 -3.56 5.37
C MET A 286 8.67 -2.02 5.39
N PRO A 287 9.67 -1.39 4.76
CA PRO A 287 9.73 0.08 4.71
C PRO A 287 8.49 0.56 3.97
N SER A 288 7.88 1.65 4.43
CA SER A 288 6.65 2.14 3.82
C SER A 288 6.69 2.82 2.46
N ALA A 289 7.79 3.49 2.14
CA ALA A 289 7.88 4.19 0.86
C ALA A 289 9.12 3.80 0.05
N VAL A 290 9.24 2.51 -0.22
CA VAL A 290 10.35 1.97 -0.99
C VAL A 290 9.75 1.48 -2.32
N SER A 291 10.54 1.48 -3.39
CA SER A 291 10.04 1.01 -4.68
C SER A 291 9.83 -0.49 -4.67
N GLY A 292 8.58 -0.90 -4.50
CA GLY A 292 8.23 -2.31 -4.46
C GLY A 292 7.50 -2.63 -3.17
N THR A 293 7.40 -1.64 -2.29
CA THR A 293 6.73 -1.80 -1.00
C THR A 293 5.40 -2.52 -1.13
N SER A 294 4.57 -2.02 -2.04
CA SER A 294 3.26 -2.57 -2.26
C SER A 294 3.24 -3.99 -2.85
N ILE A 295 4.12 -4.23 -3.81
CA ILE A 295 4.18 -5.53 -4.47
C ILE A 295 4.75 -6.63 -3.59
N PHE A 296 5.83 -6.32 -2.88
CA PHE A 296 6.44 -7.30 -1.99
C PHE A 296 5.56 -7.63 -0.77
N ASN A 297 4.80 -6.66 -0.27
CA ASN A 297 3.92 -6.94 0.86
C ASN A 297 2.88 -7.94 0.37
N SER A 298 2.46 -7.75 -0.88
CA SER A 298 1.47 -8.62 -1.53
C SER A 298 2.03 -10.02 -1.75
N MET A 299 3.28 -10.13 -2.19
CA MET A 299 3.88 -11.42 -2.42
C MET A 299 3.99 -12.14 -1.09
N ILE A 300 4.41 -11.40 -0.06
CA ILE A 300 4.52 -11.96 1.26
C ILE A 300 3.15 -12.42 1.78
N ASN A 301 2.10 -11.65 1.49
CA ASN A 301 0.76 -12.01 1.96
C ASN A 301 0.37 -13.37 1.39
N ASN A 302 0.69 -13.59 0.13
CA ASN A 302 0.40 -14.85 -0.54
C ASN A 302 1.13 -15.99 0.20
N LEU A 303 2.36 -15.72 0.65
CA LEU A 303 3.13 -16.72 1.39
C LEU A 303 2.51 -16.95 2.76
N ILE A 304 2.09 -15.87 3.42
CA ILE A 304 1.48 -15.98 4.74
C ILE A 304 0.19 -16.83 4.73
N ILE A 305 -0.80 -16.39 3.96
CA ILE A 305 -2.05 -17.13 3.90
C ILE A 305 -1.87 -18.59 3.48
N ARG A 306 -0.98 -18.88 2.55
CA ARG A 306 -0.74 -20.26 2.15
C ARG A 306 -0.18 -21.05 3.34
N THR A 307 0.75 -20.42 4.06
CA THR A 307 1.38 -21.04 5.22
C THR A 307 0.40 -21.34 6.34
N LEU A 308 -0.47 -20.40 6.65
CA LEU A 308 -1.44 -20.60 7.71
C LEU A 308 -2.43 -21.72 7.34
N LEU A 309 -2.77 -21.82 6.06
CA LEU A 309 -3.69 -22.86 5.61
C LEU A 309 -3.03 -24.24 5.67
N LEU A 310 -1.71 -24.31 5.46
CA LEU A 310 -1.01 -25.59 5.51
C LEU A 310 -0.82 -26.04 6.96
N LYS A 311 -0.54 -25.08 7.84
CA LYS A 311 -0.34 -25.35 9.26
C LYS A 311 -1.64 -25.81 9.93
N THR A 312 -2.72 -25.12 9.59
CA THR A 312 -4.04 -25.36 10.16
C THR A 312 -4.87 -26.47 9.54
N TYR A 313 -4.83 -26.56 8.21
CA TYR A 313 -5.61 -27.55 7.47
C TYR A 313 -4.78 -28.46 6.59
N LYS A 314 -3.97 -29.33 7.20
CA LYS A 314 -3.15 -30.25 6.44
C LYS A 314 -3.97 -30.95 5.36
N GLY A 315 -3.41 -31.04 4.17
CA GLY A 315 -4.12 -31.69 3.08
C GLY A 315 -4.95 -30.72 2.25
N ILE A 316 -4.88 -29.43 2.58
CA ILE A 316 -5.63 -28.44 1.83
C ILE A 316 -5.05 -28.36 0.43
N ASP A 317 -5.89 -28.04 -0.55
CA ASP A 317 -5.44 -27.95 -1.93
C ASP A 317 -5.16 -26.50 -2.34
N LEU A 318 -3.91 -26.06 -2.16
CA LEU A 318 -3.54 -24.69 -2.49
C LEU A 318 -3.84 -24.32 -3.93
N ASP A 319 -4.10 -25.30 -4.78
CA ASP A 319 -4.43 -25.02 -6.17
C ASP A 319 -5.85 -24.51 -6.24
N HIS A 320 -6.56 -24.56 -5.13
CA HIS A 320 -7.93 -24.06 -5.11
C HIS A 320 -8.07 -22.94 -4.13
N LEU A 321 -6.92 -22.41 -3.74
CA LEU A 321 -6.89 -21.25 -2.88
C LEU A 321 -6.88 -20.17 -3.96
N LYS A 322 -7.86 -19.28 -3.94
CA LYS A 322 -7.93 -18.20 -4.92
C LYS A 322 -7.96 -16.90 -4.15
N MET A 323 -6.82 -16.22 -4.10
CA MET A 323 -6.75 -14.97 -3.34
C MET A 323 -6.09 -13.83 -4.12
N ILE A 324 -6.47 -12.61 -3.76
CA ILE A 324 -5.92 -11.41 -4.38
C ILE A 324 -5.53 -10.45 -3.26
N ALA A 325 -4.28 -10.01 -3.25
CA ALA A 325 -3.86 -9.10 -2.21
C ALA A 325 -3.40 -7.75 -2.75
N TYR A 326 -3.38 -6.75 -1.87
CA TYR A 326 -2.93 -5.41 -2.19
C TYR A 326 -2.29 -5.01 -0.88
N GLY A 327 -1.03 -5.35 -0.73
CA GLY A 327 -0.35 -5.06 0.51
C GLY A 327 -0.98 -6.02 1.50
N ASP A 328 -1.42 -5.50 2.64
CA ASP A 328 -2.02 -6.34 3.65
C ASP A 328 -3.49 -6.66 3.37
N ASP A 329 -4.16 -5.81 2.58
CA ASP A 329 -5.57 -6.07 2.28
C ASP A 329 -5.70 -7.31 1.41
N VAL A 330 -6.74 -8.11 1.64
CA VAL A 330 -6.91 -9.31 0.85
C VAL A 330 -8.32 -9.84 0.81
N ILE A 331 -8.68 -10.42 -0.33
CA ILE A 331 -9.98 -11.06 -0.50
C ILE A 331 -9.56 -12.47 -0.94
N ALA A 332 -10.10 -13.51 -0.31
CA ALA A 332 -9.71 -14.88 -0.63
C ALA A 332 -10.88 -15.86 -0.72
N SER A 333 -10.61 -17.06 -1.23
CA SER A 333 -11.66 -18.06 -1.35
C SER A 333 -11.12 -19.49 -1.38
N TYR A 334 -12.02 -20.45 -1.19
CA TYR A 334 -11.68 -21.87 -1.19
C TYR A 334 -12.98 -22.64 -1.41
N PRO A 335 -12.93 -23.80 -2.09
CA PRO A 335 -14.15 -24.57 -2.32
C PRO A 335 -14.88 -24.91 -1.03
N HIS A 336 -14.11 -24.97 0.05
CA HIS A 336 -14.66 -25.31 1.36
C HIS A 336 -14.49 -24.21 2.38
N GLU A 337 -15.46 -24.14 3.26
CA GLU A 337 -15.49 -23.17 4.33
C GLU A 337 -14.26 -23.33 5.22
N VAL A 338 -13.66 -22.22 5.63
CA VAL A 338 -12.51 -22.26 6.52
C VAL A 338 -12.81 -21.35 7.69
N ASP A 339 -12.11 -21.57 8.80
CA ASP A 339 -12.32 -20.80 10.01
C ASP A 339 -11.28 -19.68 10.17
N ALA A 340 -11.67 -18.44 9.90
CA ALA A 340 -10.76 -17.32 10.00
C ALA A 340 -10.22 -17.20 11.42
N SER A 341 -11.09 -17.47 12.39
CA SER A 341 -10.69 -17.41 13.79
C SER A 341 -9.53 -18.36 14.04
N LEU A 342 -9.61 -19.54 13.46
CA LEU A 342 -8.57 -20.54 13.64
C LEU A 342 -7.27 -20.08 12.97
N LEU A 343 -7.39 -19.58 11.74
CA LEU A 343 -6.23 -19.11 10.99
C LEU A 343 -5.57 -17.98 11.76
N ALA A 344 -6.39 -17.12 12.37
CA ALA A 344 -5.90 -16.01 13.17
C ALA A 344 -5.02 -16.57 14.30
N GLN A 345 -5.43 -17.69 14.88
CA GLN A 345 -4.68 -18.30 15.96
C GLN A 345 -3.28 -18.70 15.48
N SER A 346 -3.22 -19.48 14.40
CA SER A 346 -1.94 -19.91 13.86
C SER A 346 -1.10 -18.69 13.53
N GLY A 347 -1.79 -17.63 13.14
CA GLY A 347 -1.13 -16.39 12.78
C GLY A 347 -0.26 -15.81 13.87
N LYS A 348 -0.71 -15.90 15.13
CA LYS A 348 0.08 -15.35 16.22
C LYS A 348 1.46 -16.00 16.31
N ASP A 349 1.55 -17.28 15.97
CA ASP A 349 2.84 -17.97 16.04
C ASP A 349 3.77 -17.50 14.95
N TYR A 350 3.23 -16.83 13.95
CA TYR A 350 4.03 -16.33 12.85
C TYR A 350 4.27 -14.84 12.92
N GLY A 351 3.93 -14.24 14.06
CA GLY A 351 4.14 -12.81 14.25
C GLY A 351 3.09 -11.92 13.61
N LEU A 352 1.95 -12.49 13.27
CA LEU A 352 0.88 -11.74 12.64
C LEU A 352 -0.32 -11.62 13.55
N THR A 353 -0.82 -10.40 13.68
CA THR A 353 -1.99 -10.14 14.51
C THR A 353 -3.19 -9.98 13.59
N MET A 354 -3.96 -11.04 13.42
CA MET A 354 -5.13 -11.04 12.54
C MET A 354 -6.46 -10.87 13.29
N THR A 355 -7.33 -10.01 12.75
CA THR A 355 -8.62 -9.76 13.38
C THR A 355 -9.75 -9.87 12.37
N PRO A 356 -11.00 -9.88 12.87
CA PRO A 356 -12.21 -10.00 12.03
C PRO A 356 -12.29 -9.00 10.88
N ALA A 357 -12.69 -9.52 9.72
CA ALA A 357 -12.79 -8.73 8.51
C ALA A 357 -13.69 -7.51 8.63
N ASP A 358 -13.12 -6.36 8.26
CA ASP A 358 -13.81 -5.07 8.29
C ASP A 358 -14.16 -4.55 9.68
N LYS A 359 -13.28 -4.84 10.64
CA LYS A 359 -13.47 -4.37 12.00
C LYS A 359 -14.64 -4.98 12.77
N SER A 360 -15.12 -6.15 12.34
CA SER A 360 -16.22 -6.80 13.05
C SER A 360 -15.72 -7.15 14.46
N ALA A 361 -16.64 -7.45 15.36
CA ALA A 361 -16.26 -7.79 16.73
C ALA A 361 -15.96 -9.27 16.83
N THR A 362 -16.58 -10.04 15.94
CA THR A 362 -16.40 -11.49 15.92
C THR A 362 -16.17 -11.93 14.49
N PHE A 363 -15.55 -13.10 14.31
CA PHE A 363 -15.27 -13.63 12.98
C PHE A 363 -16.53 -14.18 12.33
N GLU A 364 -17.17 -13.38 11.47
CA GLU A 364 -18.39 -13.81 10.78
C GLU A 364 -18.09 -14.39 9.42
N THR A 365 -19.08 -15.04 8.83
CA THR A 365 -18.89 -15.63 7.52
C THR A 365 -18.80 -14.51 6.50
N VAL A 366 -17.81 -14.60 5.61
CA VAL A 366 -17.61 -13.59 4.58
C VAL A 366 -18.41 -13.98 3.35
N THR A 367 -19.21 -13.03 2.84
CA THR A 367 -20.05 -13.27 1.67
C THR A 367 -19.93 -12.13 0.67
N TRP A 368 -20.49 -12.32 -0.52
CA TRP A 368 -20.45 -11.28 -1.55
C TRP A 368 -21.26 -10.09 -1.11
N GLU A 369 -22.12 -10.34 -0.14
CA GLU A 369 -22.98 -9.30 0.37
C GLU A 369 -22.18 -8.35 1.28
N ASN A 370 -21.28 -8.89 2.08
CA ASN A 370 -20.52 -8.06 3.02
C ASN A 370 -19.02 -7.90 2.83
N VAL A 371 -18.45 -8.57 1.85
CA VAL A 371 -17.01 -8.47 1.63
C VAL A 371 -16.60 -7.14 1.04
N THR A 372 -15.43 -6.64 1.42
CA THR A 372 -14.92 -5.39 0.87
C THR A 372 -13.46 -5.62 0.52
N PHE A 373 -13.00 -4.92 -0.51
CA PHE A 373 -11.61 -5.02 -0.94
C PHE A 373 -11.23 -3.61 -1.33
N LEU A 374 -10.14 -3.10 -0.74
CA LEU A 374 -9.72 -1.73 -1.00
C LEU A 374 -10.86 -0.83 -0.54
N LYS A 375 -11.44 -1.18 0.61
CA LYS A 375 -12.54 -0.43 1.21
C LYS A 375 -13.78 -0.32 0.33
N ARG A 376 -13.81 -1.10 -0.75
CA ARG A 376 -14.95 -1.07 -1.66
C ARG A 376 -15.79 -2.35 -1.59
N PHE A 377 -17.11 -2.21 -1.71
CA PHE A 377 -18.01 -3.36 -1.71
C PHE A 377 -18.18 -3.84 -3.15
N PHE A 378 -19.00 -4.88 -3.32
CA PHE A 378 -19.27 -5.42 -4.65
C PHE A 378 -20.78 -5.41 -4.87
N ARG A 379 -21.23 -4.71 -5.90
CA ARG A 379 -22.66 -4.68 -6.20
C ARG A 379 -22.93 -4.76 -7.70
N ALA A 380 -23.65 -5.80 -8.09
CA ALA A 380 -23.99 -6.00 -9.49
C ALA A 380 -24.88 -4.84 -9.94
N ASP A 381 -24.62 -4.34 -11.16
CA ASP A 381 -25.42 -3.24 -11.70
C ASP A 381 -26.85 -3.71 -11.92
N GLU A 382 -27.83 -2.85 -11.61
CA GLU A 382 -29.22 -3.22 -11.79
C GLU A 382 -29.57 -3.57 -13.23
N LYS A 383 -29.11 -2.76 -14.19
CA LYS A 383 -29.43 -3.03 -15.58
C LYS A 383 -28.63 -4.18 -16.20
N TYR A 384 -27.34 -4.25 -15.89
CA TYR A 384 -26.50 -5.30 -16.44
C TYR A 384 -25.73 -6.01 -15.33
N PRO A 385 -26.35 -7.03 -14.72
CA PRO A 385 -25.80 -7.85 -13.63
C PRO A 385 -24.34 -8.29 -13.77
N PHE A 386 -23.92 -8.59 -14.99
CA PHE A 386 -22.55 -9.04 -15.19
C PHE A 386 -21.51 -7.92 -14.94
N LEU A 387 -21.97 -6.66 -14.94
CA LEU A 387 -21.06 -5.56 -14.64
C LEU A 387 -21.10 -5.33 -13.14
N ILE A 388 -19.94 -5.37 -12.48
CA ILE A 388 -19.88 -5.18 -11.03
C ILE A 388 -19.36 -3.83 -10.60
N HIS A 389 -20.16 -3.15 -9.78
CA HIS A 389 -19.84 -1.83 -9.24
C HIS A 389 -18.94 -1.89 -8.03
N PRO A 390 -17.86 -1.10 -8.02
CA PRO A 390 -17.01 -1.13 -6.83
C PRO A 390 -17.67 -0.01 -5.98
N VAL A 391 -18.20 -0.36 -4.81
CA VAL A 391 -18.88 0.65 -4.00
C VAL A 391 -18.21 1.09 -2.70
N MET A 392 -17.69 2.31 -2.67
CA MET A 392 -17.07 2.83 -1.47
C MET A 392 -18.10 3.66 -0.73
N PRO A 393 -18.36 3.33 0.55
CA PRO A 393 -19.34 4.06 1.36
C PRO A 393 -19.12 5.57 1.33
N MET A 394 -20.22 6.33 1.34
CA MET A 394 -20.13 7.79 1.32
C MET A 394 -19.38 8.39 2.51
N LYS A 395 -19.41 7.69 3.65
CA LYS A 395 -18.72 8.18 4.85
C LYS A 395 -17.30 8.61 4.55
N GLU A 396 -16.55 7.72 3.90
CA GLU A 396 -15.17 7.99 3.55
C GLU A 396 -15.04 9.22 2.66
N ILE A 397 -15.86 9.29 1.60
CA ILE A 397 -15.84 10.43 0.68
C ILE A 397 -16.13 11.73 1.45
N HIS A 398 -17.12 11.67 2.34
CA HIS A 398 -17.51 12.82 3.15
C HIS A 398 -16.35 13.30 4.00
N GLU A 399 -15.70 12.37 4.70
CA GLU A 399 -14.57 12.69 5.54
C GLU A 399 -13.52 13.41 4.73
N SER A 400 -13.26 12.90 3.53
CA SER A 400 -12.24 13.45 2.67
C SER A 400 -12.49 14.84 2.10
N ILE A 401 -13.72 15.08 1.67
CA ILE A 401 -14.05 16.38 1.07
C ILE A 401 -14.10 17.56 2.03
N ARG A 402 -14.10 17.30 3.33
CA ARG A 402 -14.17 18.35 4.33
C ARG A 402 -12.83 19.05 4.58
N TRP A 403 -11.80 18.59 3.88
CA TRP A 403 -10.48 19.19 4.02
C TRP A 403 -9.82 19.42 2.68
N THR A 404 -8.77 20.23 2.67
CA THR A 404 -8.03 20.52 1.44
C THR A 404 -6.57 20.77 1.73
N LYS A 405 -5.72 20.38 0.77
CA LYS A 405 -4.28 20.55 0.90
C LYS A 405 -3.76 21.66 -0.02
N ASP A 406 -4.59 22.10 -0.95
CA ASP A 406 -4.19 23.14 -1.89
C ASP A 406 -5.40 23.58 -2.72
N PRO A 407 -5.97 24.75 -2.40
CA PRO A 407 -7.14 25.28 -3.12
C PRO A 407 -7.07 25.16 -4.64
N ARG A 408 -5.86 24.99 -5.17
CA ARG A 408 -5.67 24.84 -6.60
C ARG A 408 -5.97 23.43 -7.10
N ASN A 409 -6.15 22.49 -6.17
CA ASN A 409 -6.45 21.11 -6.52
C ASN A 409 -7.88 20.75 -6.13
N THR A 410 -8.69 21.76 -5.86
CA THR A 410 -10.07 21.52 -5.44
C THR A 410 -10.87 20.81 -6.54
N GLN A 411 -10.66 21.21 -7.78
CA GLN A 411 -11.36 20.59 -8.90
C GLN A 411 -11.02 19.09 -8.97
N ASP A 412 -9.73 18.77 -8.93
CA ASP A 412 -9.30 17.38 -9.01
C ASP A 412 -9.77 16.59 -7.80
N HIS A 413 -9.44 17.08 -6.61
CA HIS A 413 -9.83 16.39 -5.40
C HIS A 413 -11.32 16.02 -5.44
N VAL A 414 -12.17 17.02 -5.64
CA VAL A 414 -13.62 16.78 -5.69
C VAL A 414 -14.02 15.87 -6.84
N ARG A 415 -13.32 15.98 -7.97
CA ARG A 415 -13.64 15.13 -9.12
C ARG A 415 -13.28 13.68 -8.78
N SER A 416 -12.16 13.50 -8.09
CA SER A 416 -11.73 12.18 -7.66
C SER A 416 -12.83 11.54 -6.84
N LEU A 417 -13.34 12.30 -5.88
CA LEU A 417 -14.39 11.80 -5.02
C LEU A 417 -15.61 11.40 -5.82
N CYS A 418 -15.96 12.20 -6.83
CA CYS A 418 -17.12 11.91 -7.66
C CYS A 418 -16.99 10.56 -8.38
N LEU A 419 -15.78 10.22 -8.81
CA LEU A 419 -15.58 8.95 -9.50
C LEU A 419 -15.79 7.78 -8.54
N LEU A 420 -15.62 8.02 -7.25
CA LEU A 420 -15.82 6.97 -6.28
C LEU A 420 -17.28 6.93 -5.86
N ALA A 421 -17.85 8.10 -5.60
CA ALA A 421 -19.22 8.20 -5.11
C ALA A 421 -20.38 7.72 -5.98
N TRP A 422 -20.39 8.11 -7.25
CA TRP A 422 -21.50 7.74 -8.12
C TRP A 422 -21.90 6.28 -8.11
N HIS A 423 -20.99 5.40 -7.71
CA HIS A 423 -21.31 3.98 -7.66
C HIS A 423 -22.31 3.66 -6.55
N ASN A 424 -22.63 4.65 -5.72
CA ASN A 424 -23.57 4.44 -4.64
C ASN A 424 -25.01 4.59 -5.12
N GLY A 425 -25.18 4.95 -6.39
CA GLY A 425 -26.51 5.10 -6.93
C GLY A 425 -26.80 6.53 -7.33
N GLU A 426 -27.77 6.70 -8.22
CA GLU A 426 -28.13 8.02 -8.70
C GLU A 426 -28.73 8.92 -7.61
N GLU A 427 -29.55 8.37 -6.74
CA GLU A 427 -30.14 9.18 -5.68
C GLU A 427 -29.05 9.75 -4.76
N GLU A 428 -28.16 8.87 -4.32
CA GLU A 428 -27.06 9.28 -3.44
C GLU A 428 -26.15 10.29 -4.11
N TYR A 429 -25.73 9.98 -5.34
CA TYR A 429 -24.84 10.85 -6.07
C TYR A 429 -25.42 12.24 -6.27
N ASN A 430 -26.72 12.32 -6.53
CA ASN A 430 -27.31 13.64 -6.72
C ASN A 430 -27.33 14.43 -5.42
N LYS A 431 -27.62 13.77 -4.30
CA LYS A 431 -27.62 14.47 -3.02
C LYS A 431 -26.22 15.05 -2.80
N PHE A 432 -25.21 14.26 -3.15
CA PHE A 432 -23.82 14.63 -3.00
C PHE A 432 -23.51 15.87 -3.84
N LEU A 433 -23.95 15.86 -5.10
CA LEU A 433 -23.72 17.01 -5.99
C LEU A 433 -24.42 18.27 -5.49
N ALA A 434 -25.64 18.12 -4.98
CA ALA A 434 -26.38 19.28 -4.50
C ALA A 434 -25.69 19.94 -3.28
N LYS A 435 -25.21 19.14 -2.34
CA LYS A 435 -24.54 19.72 -1.17
C LYS A 435 -23.29 20.46 -1.63
N ILE A 436 -22.58 19.88 -2.59
CA ILE A 436 -21.38 20.50 -3.12
C ILE A 436 -21.73 21.85 -3.74
N ARG A 437 -22.88 21.91 -4.42
CA ARG A 437 -23.33 23.13 -5.08
C ARG A 437 -24.11 24.08 -4.16
N SER A 438 -24.04 23.86 -2.85
CA SER A 438 -24.77 24.71 -1.92
C SER A 438 -23.86 25.83 -1.37
N VAL A 439 -22.62 25.84 -1.83
CA VAL A 439 -21.65 26.85 -1.44
C VAL A 439 -20.96 27.30 -2.74
N PRO A 440 -20.54 28.57 -2.81
CA PRO A 440 -19.88 29.10 -4.00
C PRO A 440 -18.78 28.26 -4.65
N ILE A 441 -17.80 27.83 -3.86
CA ILE A 441 -16.71 27.01 -4.40
C ILE A 441 -17.19 25.81 -5.21
N GLY A 442 -18.16 25.09 -4.67
CA GLY A 442 -18.67 23.93 -5.37
C GLY A 442 -19.41 24.27 -6.66
N ARG A 443 -20.13 25.38 -6.66
CA ARG A 443 -20.89 25.76 -7.85
C ARG A 443 -19.97 26.16 -9.00
N ALA A 444 -18.72 26.52 -8.70
CA ALA A 444 -17.80 26.91 -9.77
C ALA A 444 -17.05 25.71 -10.33
N LEU A 445 -17.21 24.54 -9.73
CA LEU A 445 -16.51 23.36 -10.22
C LEU A 445 -17.20 22.75 -11.42
N ASP A 446 -16.41 22.03 -12.21
CA ASP A 446 -16.95 21.34 -13.37
C ASP A 446 -17.05 19.88 -12.95
N LEU A 447 -18.25 19.42 -12.61
CA LEU A 447 -18.43 18.05 -12.15
C LEU A 447 -19.35 17.26 -13.08
N PRO A 448 -19.10 15.95 -13.22
CA PRO A 448 -19.92 15.11 -14.09
C PRO A 448 -21.22 14.64 -13.45
N GLU A 449 -22.30 14.68 -14.22
CA GLU A 449 -23.61 14.23 -13.74
C GLU A 449 -23.63 12.71 -13.78
N TYR A 450 -24.57 12.10 -13.06
CA TYR A 450 -24.67 10.65 -13.03
C TYR A 450 -24.70 9.99 -14.41
N SER A 451 -25.63 10.42 -15.26
CA SER A 451 -25.76 9.88 -16.61
C SER A 451 -24.43 9.83 -17.32
N THR A 452 -23.61 10.86 -17.13
CA THR A 452 -22.33 10.91 -17.81
C THR A 452 -21.37 9.84 -17.30
N LEU A 453 -21.29 9.70 -15.99
CA LEU A 453 -20.40 8.71 -15.40
C LEU A 453 -20.87 7.30 -15.73
N TYR A 454 -22.17 7.06 -15.71
CA TYR A 454 -22.70 5.73 -16.02
C TYR A 454 -22.34 5.32 -17.45
N ASP A 455 -22.48 6.27 -18.38
CA ASP A 455 -22.17 5.99 -19.78
C ASP A 455 -20.66 5.79 -19.95
N ARG A 456 -19.88 6.60 -19.26
CA ARG A 456 -18.44 6.50 -19.35
C ARG A 456 -18.04 5.08 -18.93
N TRP A 457 -18.65 4.61 -17.85
CA TRP A 457 -18.38 3.28 -17.32
C TRP A 457 -18.69 2.19 -18.36
N LEU A 458 -19.93 2.15 -18.83
CA LEU A 458 -20.32 1.16 -19.82
C LEU A 458 -19.37 1.19 -21.01
N ASP A 459 -18.93 2.39 -21.39
CA ASP A 459 -18.03 2.52 -22.53
C ASP A 459 -16.57 2.17 -22.25
N SER A 460 -16.24 1.92 -20.98
CA SER A 460 -14.85 1.60 -20.63
C SER A 460 -14.52 0.11 -20.68
N PHE A 461 -15.51 -0.75 -20.81
CA PHE A 461 -15.25 -2.19 -20.85
C PHE A 461 -14.79 -2.67 -22.22
C ACY B . -10.73 20.73 -1.64
O ACY B . -10.87 22.04 -1.72
OXT ACY B . -9.67 20.06 -1.86
CH3 ACY B . -12.01 20.02 -1.22
C ACY C . 1.71 15.36 26.27
O ACY C . 2.22 14.19 26.52
OXT ACY C . 2.10 16.22 25.39
CH3 ACY C . 0.51 15.70 27.16
C ACY D . -21.79 31.99 -6.08
O ACY D . -22.54 32.28 -5.06
OXT ACY D . -21.73 30.87 -6.71
CH3 ACY D . -20.89 33.13 -6.51
C ACY E . -23.69 -0.73 0.30
O ACY E . -23.12 -1.19 1.38
OXT ACY E . -24.58 -1.30 -0.43
CH3 ACY E . -23.21 0.66 -0.08
C ACY F . 23.88 -0.08 -9.20
O ACY F . 24.43 -1.06 -8.52
OXT ACY F . 24.08 1.17 -9.03
CH3 ACY F . 22.92 -0.55 -10.28
OH2 1PE G . -12.29 -7.71 -21.24
C12 1PE G . -13.27 -6.64 -21.07
C22 1PE G . -14.67 -7.05 -21.66
OH3 1PE G . -15.68 -6.72 -20.64
C13 1PE G . -17.81 -7.22 -19.73
C23 1PE G . -17.07 -7.07 -21.06
OH4 1PE G . -17.30 -8.45 -19.13
C14 1PE G . -17.33 -10.03 -17.24
C24 1PE G . -17.92 -8.75 -17.80
OH5 1PE G . -15.90 -9.84 -17.33
C15 1PE G . -13.73 -10.83 -16.95
C25 1PE G . -15.21 -11.04 -16.84
OH6 1PE G . -13.26 -11.41 -18.17
C16 1PE G . -11.71 -12.64 -19.62
C26 1PE G . -11.91 -11.94 -18.27
OH7 1PE G . -11.46 -14.11 -19.56
OH2 1PE H . -29.87 -11.84 -3.51
C12 1PE H . -29.04 -10.71 -3.92
C22 1PE H . -27.53 -11.14 -4.03
OH3 1PE H . -26.78 -10.35 -3.03
C13 1PE H . -24.74 -9.40 -3.74
C23 1PE H . -25.30 -10.64 -3.01
OH4 1PE H . -23.55 -9.83 -4.47
C14 1PE H . -21.71 -9.14 -5.97
C24 1PE H . -22.95 -8.69 -5.23
OH5 1PE H . -22.06 -10.33 -6.70
C15 1PE H . -21.25 -12.04 -8.18
C25 1PE H . -20.89 -10.80 -7.44
OH6 1PE H . -21.29 -13.12 -7.25
C16 1PE H . -22.91 -14.93 -7.08
C26 1PE H . -21.60 -14.46 -7.70
OH7 1PE H . -23.97 -15.36 -8.04
NA NA I . 13.22 -3.28 7.98
#